data_6VL1
#
_entry.id   6VL1
#
_cell.length_a   123.425
_cell.length_b   123.425
_cell.length_c   113.208
_cell.angle_alpha   90.000
_cell.angle_beta   90.000
_cell.angle_gamma   90.000
#
_symmetry.space_group_name_H-M   'P 43 21 2'
#
loop_
_entity.id
_entity.type
_entity.pdbx_description
1 polymer DabA
2 non-polymer 'MAGNESIUM ION'
3 non-polymer 'N-[(2E)-3,7-dimethylocta-2,6-dien-1-yl]-L-glutamic acid'
4 water water
#
_entity_poly.entity_id   1
_entity_poly.type   'polypeptide(L)'
_entity_poly.pdbx_seq_one_letter_code
;GSHMESPKEVLSRVQDAGLTLTNPNDLYWMVDFLKEKYYDNGDYYYPIKTVCDGESIDVKFYCPFEPSLSPHYLELYGSR
DERASIYETTMKKYNRINSEKTSAICTPYSSYGDTQIVAYFYSMMYYINDQTAHLKLPESEIESELIDILNDDILIYLNE
FMSIFEPEDAQDLERIWDFLDFYQPYFSKVDGKIVLDEKYLVRTPSQMPLIKTICEYVSEQFAPSKNITQVIWEVVRYIK
GVKDEIHIRGDKSFTLSLQEYDDFRDKVTASPMAHAVSDLTHERFSYEAYTNPAFMELENRCSEIITYFNDVCTSDRERL
DEDPFNSVFILMDLDPSLNFAKSCDVVVEHAYNKMQAFLKLKEEILESASDEEERLALARMIKTREDSLIGYVLHEVCCV
EDGYARDHKPLMKAFLEEEITKSLAEKVKFNPVESESVRLN
;
_entity_poly.pdbx_strand_id   A
#
loop_
_chem_comp.id
_chem_comp.type
_chem_comp.name
_chem_comp.formula
MG non-polymer 'MAGNESIUM ION' 'Mg 2'
R1V non-polymer 'N-[(2E)-3,7-dimethylocta-2,6-dien-1-yl]-L-glutamic acid' 'C15 H25 N O4'
#
# COMPACT_ATOMS: atom_id res chain seq x y z
N GLU A 5 0.25 25.87 13.55
CA GLU A 5 1.34 26.78 13.86
C GLU A 5 1.61 27.71 12.68
N SER A 6 2.45 28.71 12.90
CA SER A 6 2.83 29.65 11.87
C SER A 6 4.12 29.22 11.20
N PRO A 7 4.36 29.67 9.96
CA PRO A 7 5.63 29.36 9.31
C PRO A 7 6.85 29.83 10.08
N LYS A 8 6.71 30.84 10.93
CA LYS A 8 7.85 31.38 11.66
C LYS A 8 8.34 30.39 12.71
N GLU A 9 7.42 29.81 13.49
CA GLU A 9 7.83 28.89 14.53
C GLU A 9 8.27 27.54 13.98
N VAL A 10 7.70 27.12 12.84
CA VAL A 10 8.15 25.89 12.21
C VAL A 10 9.56 26.08 11.65
N LEU A 11 9.82 27.24 11.02
CA LEU A 11 11.16 27.52 10.53
C LEU A 11 12.18 27.52 11.67
N SER A 12 11.81 28.08 12.82
CA SER A 12 12.70 28.06 13.96
C SER A 12 12.97 26.64 14.43
N ARG A 13 11.94 25.79 14.43
CA ARG A 13 12.13 24.40 14.83
C ARG A 13 13.00 23.65 13.83
N VAL A 14 12.79 23.88 12.53
CA VAL A 14 13.57 23.17 11.51
C VAL A 14 15.02 23.62 11.55
N GLN A 15 15.28 24.92 11.75
CA GLN A 15 16.64 25.39 11.81
C GLN A 15 17.39 24.83 13.01
N ASP A 16 16.67 24.56 14.11
CA ASP A 16 17.31 24.06 15.32
C ASP A 16 17.35 22.54 15.38
N ALA A 17 16.20 21.89 15.18
CA ALA A 17 16.10 20.44 15.33
C ALA A 17 15.94 19.69 14.02
N GLY A 18 15.68 20.38 12.92
CA GLY A 18 15.48 19.70 11.65
C GLY A 18 14.06 19.16 11.51
N LEU A 19 13.90 18.27 10.54
CA LEU A 19 12.62 17.63 10.27
C LEU A 19 12.55 16.28 10.99
N THR A 20 11.37 15.94 11.48
CA THR A 20 11.14 14.68 12.17
C THR A 20 9.88 14.02 11.65
N LEU A 21 9.73 12.75 11.96
CA LEU A 21 8.46 12.05 11.82
C LEU A 21 7.81 11.79 13.17
N THR A 22 8.46 12.15 14.27
CA THR A 22 7.88 12.04 15.59
C THR A 22 7.01 13.23 15.96
N ASN A 23 7.25 14.38 15.36
CA ASN A 23 6.35 15.51 15.46
C ASN A 23 5.45 15.50 14.24
N PRO A 24 4.19 15.07 14.38
CA PRO A 24 3.33 14.90 13.20
C PRO A 24 3.06 16.18 12.45
N ASN A 25 3.32 17.35 13.05
CA ASN A 25 3.10 18.61 12.35
C ASN A 25 4.07 18.79 11.19
N ASP A 26 5.30 18.28 11.33
CA ASP A 26 6.29 18.45 10.28
C ASP A 26 5.82 17.87 8.95
N LEU A 27 5.05 16.78 8.99
CA LEU A 27 4.62 16.14 7.75
C LEU A 27 3.67 17.04 6.96
N TYR A 28 2.81 17.78 7.66
CA TYR A 28 1.95 18.74 6.97
C TYR A 28 2.77 19.78 6.22
N TRP A 29 3.85 20.29 6.83
CA TRP A 29 4.67 21.28 6.16
C TRP A 29 5.51 20.66 5.05
N MET A 30 5.92 19.40 5.22
CA MET A 30 6.64 18.72 4.15
C MET A 30 5.74 18.52 2.93
N VAL A 31 4.51 18.03 3.15
CA VAL A 31 3.60 17.80 2.04
C VAL A 31 3.20 19.12 1.40
N ASP A 32 2.98 20.16 2.21
CA ASP A 32 2.68 21.48 1.67
C ASP A 32 3.83 22.01 0.83
N PHE A 33 5.07 21.79 1.28
CA PHE A 33 6.23 22.21 0.51
C PHE A 33 6.30 21.47 -0.83
N LEU A 34 6.08 20.15 -0.80
CA LEU A 34 6.18 19.36 -2.03
C LEU A 34 5.12 19.78 -3.04
N LYS A 35 3.92 20.14 -2.57
CA LYS A 35 2.89 20.60 -3.49
C LYS A 35 3.26 21.95 -4.09
N GLU A 36 3.73 22.89 -3.27
CA GLU A 36 4.07 24.21 -3.78
C GLU A 36 5.28 24.16 -4.71
N LYS A 37 6.27 23.34 -4.37
CA LYS A 37 7.51 23.34 -5.13
C LYS A 37 7.38 22.57 -6.45
N TYR A 38 6.62 21.47 -6.44
CA TYR A 38 6.55 20.57 -7.58
C TYR A 38 5.20 20.70 -8.28
N TYR A 39 4.13 20.15 -7.69
CA TYR A 39 2.82 20.14 -8.34
C TYR A 39 2.40 21.54 -8.77
N ASP A 40 2.52 22.52 -7.87
CA ASP A 40 2.06 23.87 -8.17
C ASP A 40 2.91 24.56 -9.25
N ASN A 41 4.09 24.04 -9.55
CA ASN A 41 4.92 24.57 -10.63
C ASN A 41 4.84 23.72 -11.89
N GLY A 42 3.87 22.82 -11.98
CA GLY A 42 3.78 21.93 -13.12
C GLY A 42 4.87 20.89 -13.19
N ASP A 43 5.62 20.69 -12.11
CA ASP A 43 6.72 19.73 -12.06
C ASP A 43 6.25 18.50 -11.29
N TYR A 44 6.04 17.40 -12.00
CA TYR A 44 5.48 16.19 -11.41
C TYR A 44 6.54 15.12 -11.18
N TYR A 45 7.80 15.51 -11.05
CA TYR A 45 8.92 14.59 -10.86
C TYR A 45 9.47 14.79 -9.46
N TYR A 46 9.11 13.90 -8.55
CA TYR A 46 9.49 14.07 -7.16
C TYR A 46 10.81 13.36 -6.87
N PRO A 47 11.70 14.01 -6.13
CA PRO A 47 13.05 13.48 -5.95
C PRO A 47 13.09 12.30 -4.98
N ILE A 48 13.89 11.30 -5.34
CA ILE A 48 14.19 10.16 -4.48
C ILE A 48 15.70 10.02 -4.45
N LYS A 49 16.30 10.24 -3.28
CA LYS A 49 17.74 10.18 -3.11
C LYS A 49 18.06 9.11 -2.09
N THR A 50 18.68 8.02 -2.54
CA THR A 50 19.06 6.93 -1.65
C THR A 50 20.31 6.28 -2.23
N VAL A 51 20.67 5.11 -1.69
CA VAL A 51 21.84 4.38 -2.12
C VAL A 51 21.49 2.91 -2.28
N CYS A 52 22.26 2.22 -3.12
CA CYS A 52 22.13 0.78 -3.26
C CYS A 52 23.50 0.24 -3.61
N ASP A 53 24.07 -0.57 -2.71
CA ASP A 53 25.41 -1.15 -2.90
C ASP A 53 26.45 -0.05 -3.11
N GLY A 54 26.34 1.03 -2.36
CA GLY A 54 27.24 2.16 -2.49
C GLY A 54 26.99 3.04 -3.69
N GLU A 55 26.13 2.63 -4.62
CA GLU A 55 25.80 3.45 -5.78
C GLU A 55 24.77 4.51 -5.39
N SER A 56 24.99 5.73 -5.88
CA SER A 56 24.03 6.80 -5.65
C SER A 56 22.77 6.54 -6.48
N ILE A 57 21.63 6.47 -5.81
CA ILE A 57 20.33 6.34 -6.45
C ILE A 57 19.66 7.70 -6.37
N ASP A 58 19.73 8.47 -7.45
CA ASP A 58 19.21 9.84 -7.51
C ASP A 58 18.25 9.89 -8.70
N VAL A 59 16.97 9.68 -8.43
CA VAL A 59 15.95 9.54 -9.48
C VAL A 59 14.76 10.44 -9.13
N LYS A 60 13.81 10.49 -10.06
CA LYS A 60 12.57 11.24 -9.90
C LYS A 60 11.40 10.29 -10.12
N PHE A 61 10.44 10.31 -9.19
CA PHE A 61 9.21 9.55 -9.35
C PHE A 61 8.16 10.45 -10.00
N TYR A 62 7.67 10.07 -11.17
CA TYR A 62 6.68 10.87 -11.87
C TYR A 62 5.27 10.56 -11.35
N CYS A 63 4.56 11.61 -10.94
CA CYS A 63 3.17 11.46 -10.54
C CYS A 63 2.45 12.80 -10.61
N PRO A 64 1.45 12.96 -11.48
CA PRO A 64 0.87 14.28 -11.72
C PRO A 64 -0.34 14.61 -10.86
N PHE A 65 -0.51 13.92 -9.74
CA PHE A 65 -1.72 14.08 -8.93
C PHE A 65 -1.44 14.98 -7.73
N GLU A 66 -2.50 15.60 -7.23
CA GLU A 66 -2.36 16.63 -6.20
C GLU A 66 -1.90 16.05 -4.87
N PRO A 67 -0.80 16.51 -4.31
CA PRO A 67 -0.40 16.06 -2.97
C PRO A 67 -1.34 16.56 -1.89
N SER A 68 -1.52 15.74 -0.86
CA SER A 68 -2.30 16.14 0.30
C SER A 68 -2.02 15.20 1.45
N LEU A 69 -2.30 15.68 2.66
CA LEU A 69 -2.17 14.91 3.88
C LEU A 69 -3.48 15.01 4.66
N SER A 70 -3.91 13.88 5.22
CA SER A 70 -5.18 13.84 5.94
C SER A 70 -5.14 14.81 7.12
N PRO A 71 -6.21 15.58 7.35
CA PRO A 71 -6.29 16.35 8.60
C PRO A 71 -6.34 15.48 9.84
N HIS A 72 -6.62 14.19 9.70
CA HIS A 72 -6.69 13.29 10.84
C HIS A 72 -5.34 12.74 11.24
N TYR A 73 -4.27 13.08 10.53
CA TYR A 73 -2.96 12.53 10.84
C TYR A 73 -2.52 12.87 12.26
N LEU A 74 -2.83 14.09 12.72
CA LEU A 74 -2.48 14.47 14.09
C LEU A 74 -3.14 13.53 15.10
N GLU A 75 -4.43 13.28 14.95
CA GLU A 75 -5.11 12.40 15.90
C GLU A 75 -4.70 10.95 15.71
N LEU A 76 -4.53 10.51 14.45
CA LEU A 76 -4.02 9.17 14.19
C LEU A 76 -2.66 8.97 14.85
N TYR A 77 -1.76 9.93 14.70
CA TYR A 77 -0.45 9.82 15.34
C TYR A 77 -0.58 9.87 16.86
N GLY A 78 -1.46 10.74 17.37
CA GLY A 78 -1.62 10.87 18.81
C GLY A 78 -2.18 9.64 19.48
N SER A 79 -2.82 8.76 18.71
CA SER A 79 -3.38 7.52 19.25
C SER A 79 -2.64 6.28 18.75
N ARG A 80 -1.36 6.42 18.41
CA ARG A 80 -0.63 5.32 17.78
C ARG A 80 -0.27 4.24 18.79
N ASP A 81 -0.05 4.60 20.05
CA ASP A 81 0.26 3.60 21.07
C ASP A 81 -0.95 2.72 21.37
N GLU A 82 -2.12 3.32 21.47
CA GLU A 82 -3.35 2.54 21.62
C GLU A 82 -3.58 1.64 20.42
N ARG A 83 -3.32 2.16 19.22
CA ARG A 83 -3.49 1.36 18.01
C ARG A 83 -2.51 0.20 17.97
N ALA A 84 -1.27 0.42 18.41
CA ALA A 84 -0.25 -0.62 18.36
C ALA A 84 -0.51 -1.74 19.35
N SER A 85 -1.28 -1.48 20.41
CA SER A 85 -1.57 -2.53 21.39
C SER A 85 -2.43 -3.65 20.80
N ILE A 86 -3.09 -3.39 19.67
CA ILE A 86 -3.83 -4.43 18.97
C ILE A 86 -2.90 -5.48 18.40
N TYR A 87 -1.67 -5.10 18.08
CA TYR A 87 -0.75 -5.95 17.33
C TYR A 87 0.16 -6.73 18.27
N GLU A 88 0.57 -7.92 17.82
CA GLU A 88 1.74 -8.58 18.40
C GLU A 88 2.95 -8.02 17.68
N THR A 89 3.67 -7.13 18.35
CA THR A 89 4.74 -6.40 17.68
C THR A 89 5.63 -5.74 18.72
N THR A 90 6.87 -5.50 18.31
CA THR A 90 7.68 -4.49 18.96
C THR A 90 7.32 -3.12 18.42
N MET A 91 7.56 -2.08 19.22
CA MET A 91 7.33 -0.74 18.72
C MET A 91 8.33 -0.39 17.63
N LYS A 92 9.53 -0.97 17.66
CA LYS A 92 10.49 -0.75 16.59
C LYS A 92 9.94 -1.18 15.25
N LYS A 93 9.27 -2.35 15.22
CA LYS A 93 8.68 -2.83 13.97
C LYS A 93 7.46 -2.02 13.58
N TYR A 94 6.62 -1.66 14.55
CA TYR A 94 5.43 -0.87 14.27
C TYR A 94 5.81 0.52 13.75
N ASN A 95 6.88 1.11 14.28
CA ASN A 95 7.24 2.46 13.88
C ASN A 95 7.75 2.50 12.44
N ARG A 96 8.50 1.47 12.02
CA ARG A 96 8.98 1.45 10.64
C ARG A 96 7.84 1.28 9.65
N ILE A 97 6.85 0.46 9.99
CA ILE A 97 5.69 0.28 9.12
C ILE A 97 4.93 1.60 8.98
N ASN A 98 4.69 2.27 10.10
CA ASN A 98 4.13 3.63 10.15
C ASN A 98 2.85 3.72 9.31
N SER A 99 1.88 2.87 9.65
CA SER A 99 0.61 2.88 8.93
CA SER A 99 0.60 2.87 8.94
C SER A 99 -0.17 4.17 9.14
N GLU A 100 0.07 4.87 10.26
CA GLU A 100 -0.57 6.17 10.44
C GLU A 100 -0.16 7.13 9.33
N LYS A 101 1.13 7.15 8.98
CA LYS A 101 1.60 8.03 7.91
C LYS A 101 1.12 7.55 6.56
N THR A 102 1.16 6.23 6.31
CA THR A 102 0.76 5.70 5.02
CA THR A 102 0.77 5.71 5.01
C THR A 102 -0.70 6.03 4.71
N SER A 103 -1.59 5.73 5.65
CA SER A 103 -3.01 5.95 5.43
C SER A 103 -3.32 7.45 5.30
N ALA A 104 -2.72 8.28 6.15
CA ALA A 104 -3.01 9.70 6.13
C ALA A 104 -2.58 10.33 4.82
N ILE A 105 -1.52 9.82 4.20
CA ILE A 105 -1.00 10.43 2.98
C ILE A 105 -1.58 9.79 1.72
N CYS A 106 -2.02 8.53 1.80
CA CYS A 106 -2.67 7.89 0.66
C CYS A 106 -4.18 8.04 0.68
N THR A 107 -4.78 8.38 1.83
CA THR A 107 -6.22 8.54 1.98
C THR A 107 -6.46 9.86 2.70
N PRO A 108 -6.28 10.99 2.02
CA PRO A 108 -6.24 12.28 2.71
C PRO A 108 -7.58 12.97 2.94
N TYR A 109 -8.68 12.47 2.36
CA TYR A 109 -9.94 13.19 2.38
C TYR A 109 -11.07 12.33 2.93
N SER A 110 -10.78 11.51 3.94
CA SER A 110 -11.77 10.61 4.51
C SER A 110 -11.97 10.90 5.99
N SER A 111 -13.02 10.30 6.55
CA SER A 111 -13.24 10.41 7.98
C SER A 111 -12.12 9.71 8.74
N TYR A 112 -12.08 9.95 10.06
CA TYR A 112 -11.07 9.33 10.90
C TYR A 112 -11.13 7.81 10.80
N GLY A 113 -12.32 7.24 10.92
CA GLY A 113 -12.45 5.79 10.86
C GLY A 113 -12.16 5.22 9.48
N ASP A 114 -12.57 5.94 8.43
CA ASP A 114 -12.29 5.48 7.07
C ASP A 114 -10.83 5.67 6.69
N THR A 115 -10.10 6.52 7.38
CA THR A 115 -8.66 6.62 7.20
C THR A 115 -7.96 5.53 8.01
N GLN A 116 -8.42 5.30 9.24
CA GLN A 116 -7.81 4.28 10.09
C GLN A 116 -7.97 2.88 9.51
N ILE A 117 -9.12 2.60 8.88
CA ILE A 117 -9.31 1.26 8.32
C ILE A 117 -8.31 0.99 7.20
N VAL A 118 -7.92 2.03 6.46
CA VAL A 118 -6.88 1.87 5.45
C VAL A 118 -5.55 1.58 6.12
N ALA A 119 -5.24 2.26 7.22
CA ALA A 119 -4.04 1.95 7.99
C ALA A 119 -4.02 0.50 8.43
N TYR A 120 -5.16 0.00 8.91
CA TYR A 120 -5.24 -1.39 9.33
C TYR A 120 -4.94 -2.34 8.17
N PHE A 121 -5.51 -2.08 7.00
CA PHE A 121 -5.27 -2.95 5.85
C PHE A 121 -3.81 -2.95 5.43
N TYR A 122 -3.18 -1.77 5.37
CA TYR A 122 -1.77 -1.73 5.01
C TYR A 122 -0.91 -2.38 6.06
N SER A 123 -1.26 -2.22 7.35
CA SER A 123 -0.51 -2.89 8.40
C SER A 123 -0.65 -4.40 8.30
N MET A 124 -1.84 -4.88 7.92
CA MET A 124 -2.04 -6.31 7.74
C MET A 124 -1.10 -6.85 6.68
N MET A 125 -0.99 -6.14 5.55
CA MET A 125 -0.06 -6.57 4.50
C MET A 125 1.37 -6.61 5.00
N TYR A 126 1.78 -5.59 5.76
CA TYR A 126 3.16 -5.52 6.24
C TYR A 126 3.46 -6.66 7.21
N TYR A 127 2.56 -6.93 8.16
CA TYR A 127 2.83 -7.96 9.15
C TYR A 127 2.81 -9.35 8.51
N ILE A 128 1.88 -9.59 7.58
CA ILE A 128 1.90 -10.86 6.85
C ILE A 128 3.13 -10.94 5.95
N ASN A 129 3.53 -9.82 5.35
CA ASN A 129 4.73 -9.80 4.51
C ASN A 129 5.97 -10.19 5.32
N ASP A 130 6.11 -9.62 6.51
CA ASP A 130 7.27 -9.94 7.35
C ASP A 130 7.22 -11.36 7.88
N GLN A 131 6.02 -11.94 8.01
CA GLN A 131 5.90 -13.34 8.35
C GLN A 131 6.31 -14.21 7.17
N THR A 132 5.89 -13.83 5.95
CA THR A 132 6.31 -14.54 4.76
C THR A 132 7.79 -14.36 4.48
N ALA A 133 8.36 -13.24 4.92
CA ALA A 133 9.78 -12.96 4.66
C ALA A 133 10.71 -13.96 5.30
N HIS A 134 10.21 -14.81 6.22
CA HIS A 134 11.04 -15.87 6.76
C HIS A 134 11.58 -16.77 5.66
N LEU A 135 10.84 -16.93 4.57
CA LEU A 135 11.27 -17.74 3.44
C LEU A 135 12.43 -17.12 2.66
N LYS A 136 12.80 -15.87 2.96
CA LYS A 136 13.97 -15.27 2.31
C LYS A 136 15.28 -15.79 2.87
N LEU A 137 15.26 -16.37 4.08
CA LEU A 137 16.47 -16.85 4.71
C LEU A 137 17.08 -18.01 3.92
N PRO A 138 18.36 -18.29 4.12
CA PRO A 138 18.97 -19.48 3.51
C PRO A 138 18.24 -20.74 3.96
N GLU A 139 18.38 -21.79 3.13
CA GLU A 139 17.65 -23.03 3.37
C GLU A 139 17.96 -23.62 4.74
N SER A 140 19.18 -23.45 5.24
CA SER A 140 19.56 -24.01 6.52
C SER A 140 18.95 -23.26 7.70
N GLU A 141 18.28 -22.14 7.46
CA GLU A 141 17.67 -21.34 8.52
C GLU A 141 16.16 -21.34 8.46
N ILE A 142 15.56 -21.98 7.48
CA ILE A 142 14.11 -22.06 7.39
C ILE A 142 13.58 -23.00 8.47
N GLU A 143 12.56 -22.56 9.18
CA GLU A 143 11.88 -23.38 10.19
C GLU A 143 10.53 -23.79 9.62
N SER A 144 10.35 -25.09 9.39
CA SER A 144 9.11 -25.58 8.80
CA SER A 144 9.11 -25.59 8.81
C SER A 144 7.91 -25.25 9.68
N GLU A 145 8.09 -25.21 11.00
CA GLU A 145 6.98 -24.90 11.89
C GLU A 145 6.47 -23.48 11.68
N LEU A 146 7.37 -22.54 11.39
CA LEU A 146 6.93 -21.18 11.09
C LEU A 146 6.17 -21.13 9.78
N ILE A 147 6.55 -21.96 8.80
CA ILE A 147 5.83 -21.98 7.53
C ILE A 147 4.46 -22.63 7.71
N ASP A 148 4.37 -23.68 8.54
CA ASP A 148 3.08 -24.27 8.86
C ASP A 148 2.17 -23.25 9.53
N ILE A 149 2.71 -22.47 10.47
CA ILE A 149 1.92 -21.45 11.14
C ILE A 149 1.42 -20.42 10.13
N LEU A 150 2.31 -19.95 9.26
CA LEU A 150 1.92 -18.95 8.27
C LEU A 150 0.81 -19.48 7.37
N ASN A 151 0.94 -20.71 6.88
CA ASN A 151 -0.06 -21.27 5.99
C ASN A 151 -1.41 -21.42 6.69
N ASP A 152 -1.40 -21.82 7.96
CA ASP A 152 -2.66 -21.92 8.68
CA ASP A 152 -2.63 -21.92 8.73
C ASP A 152 -3.22 -20.54 9.01
N ASP A 153 -2.35 -19.57 9.32
CA ASP A 153 -2.81 -18.23 9.69
C ASP A 153 -3.64 -17.60 8.56
N ILE A 154 -3.11 -17.60 7.34
CA ILE A 154 -3.79 -16.90 6.26
C ILE A 154 -5.09 -17.59 5.90
N LEU A 155 -5.19 -18.91 6.13
CA LEU A 155 -6.45 -19.59 5.94
C LEU A 155 -7.46 -19.17 6.99
N ILE A 156 -7.01 -19.01 8.23
CA ILE A 156 -7.92 -18.57 9.30
C ILE A 156 -8.27 -17.09 9.12
N TYR A 157 -7.30 -16.28 8.69
CA TYR A 157 -7.59 -14.88 8.34
C TYR A 157 -8.65 -14.81 7.26
N LEU A 158 -8.49 -15.63 6.21
CA LEU A 158 -9.44 -15.62 5.10
C LEU A 158 -10.85 -15.95 5.57
N ASN A 159 -10.97 -16.92 6.49
CA ASN A 159 -12.29 -17.28 6.99
C ASN A 159 -12.93 -16.15 7.77
N GLU A 160 -12.13 -15.35 8.47
CA GLU A 160 -12.69 -14.23 9.22
C GLU A 160 -13.34 -13.20 8.30
N PHE A 161 -12.77 -13.00 7.11
CA PHE A 161 -13.45 -12.14 6.13
C PHE A 161 -14.65 -12.84 5.52
N MET A 162 -14.59 -14.16 5.35
CA MET A 162 -15.77 -14.91 4.91
C MET A 162 -16.91 -14.80 5.91
N SER A 163 -16.59 -14.67 7.20
CA SER A 163 -17.61 -14.69 8.24
C SER A 163 -18.48 -13.44 8.24
N ILE A 164 -17.99 -12.33 7.67
CA ILE A 164 -18.79 -11.12 7.56
C ILE A 164 -19.45 -10.99 6.19
N PHE A 165 -19.25 -11.96 5.30
CA PHE A 165 -19.70 -11.86 3.92
C PHE A 165 -21.04 -12.56 3.77
N GLU A 166 -22.10 -11.77 3.59
CA GLU A 166 -23.46 -12.28 3.42
C GLU A 166 -24.11 -11.46 2.32
N PRO A 167 -23.82 -11.76 1.06
CA PRO A 167 -24.24 -10.88 -0.03
C PRO A 167 -25.73 -10.97 -0.31
N GLU A 168 -26.31 -9.84 -0.69
CA GLU A 168 -27.71 -9.82 -1.10
C GLU A 168 -27.94 -10.60 -2.37
N ASP A 169 -26.97 -10.61 -3.28
CA ASP A 169 -27.09 -11.27 -4.56
C ASP A 169 -26.34 -12.59 -4.51
N ALA A 170 -27.02 -13.68 -4.88
CA ALA A 170 -26.37 -14.99 -4.88
C ALA A 170 -25.27 -15.07 -5.92
N GLN A 171 -25.35 -14.23 -6.96
CA GLN A 171 -24.29 -14.19 -7.95
C GLN A 171 -22.97 -13.73 -7.34
N ASP A 172 -23.03 -12.88 -6.31
CA ASP A 172 -21.82 -12.45 -5.63
C ASP A 172 -21.25 -13.53 -4.72
N LEU A 173 -22.11 -14.36 -4.14
CA LEU A 173 -21.62 -15.52 -3.40
C LEU A 173 -20.85 -16.47 -4.31
N GLU A 174 -21.37 -16.68 -5.52
CA GLU A 174 -20.69 -17.54 -6.49
C GLU A 174 -19.40 -16.91 -6.99
N ARG A 175 -19.36 -15.57 -7.08
CA ARG A 175 -18.14 -14.91 -7.52
C ARG A 175 -16.99 -15.21 -6.57
N ILE A 176 -17.23 -15.06 -5.26
CA ILE A 176 -16.20 -15.35 -4.28
C ILE A 176 -15.90 -16.84 -4.22
N TRP A 177 -16.95 -17.67 -4.24
CA TRP A 177 -16.77 -19.11 -4.15
C TRP A 177 -15.90 -19.63 -5.29
N ASP A 178 -16.19 -19.20 -6.52
CA ASP A 178 -15.39 -19.60 -7.66
C ASP A 178 -13.97 -19.03 -7.61
N PHE A 179 -13.77 -17.92 -6.89
CA PHE A 179 -12.48 -17.26 -6.83
C PHE A 179 -11.56 -17.88 -5.79
N LEU A 180 -12.08 -18.74 -4.91
CA LEU A 180 -11.25 -19.31 -3.84
C LEU A 180 -10.16 -20.22 -4.40
N ASP A 181 -10.39 -20.81 -5.58
CA ASP A 181 -9.41 -21.66 -6.25
C ASP A 181 -8.90 -22.78 -5.34
N PHE A 182 -7.59 -22.81 -5.09
CA PHE A 182 -6.99 -23.87 -4.30
C PHE A 182 -7.39 -23.82 -2.83
N TYR A 183 -8.07 -22.76 -2.38
CA TYR A 183 -8.61 -22.72 -1.03
C TYR A 183 -10.03 -23.25 -0.93
N GLN A 184 -10.72 -23.37 -2.06
CA GLN A 184 -12.12 -23.81 -2.06
C GLN A 184 -12.36 -25.13 -1.34
N PRO A 185 -11.53 -26.17 -1.48
CA PRO A 185 -11.80 -27.43 -0.77
C PRO A 185 -11.82 -27.29 0.74
N TYR A 186 -11.26 -26.22 1.29
CA TYR A 186 -11.29 -26.00 2.73
C TYR A 186 -12.59 -25.36 3.21
N PHE A 187 -13.43 -24.87 2.31
CA PHE A 187 -14.61 -24.13 2.68
C PHE A 187 -15.87 -24.85 2.20
N SER A 188 -17.01 -24.44 2.77
CA SER A 188 -18.31 -24.93 2.36
C SER A 188 -19.30 -23.78 2.38
N LYS A 189 -20.31 -23.86 1.52
CA LYS A 189 -21.41 -22.90 1.52
C LYS A 189 -22.48 -23.39 2.49
N VAL A 190 -22.70 -22.61 3.55
CA VAL A 190 -23.59 -22.99 4.65
C VAL A 190 -24.52 -21.82 4.94
N ASP A 191 -25.80 -21.96 4.59
CA ASP A 191 -26.82 -20.94 4.85
C ASP A 191 -26.43 -19.59 4.24
N GLY A 192 -26.05 -19.62 2.97
CA GLY A 192 -25.71 -18.41 2.26
C GLY A 192 -24.36 -17.81 2.60
N LYS A 193 -23.52 -18.52 3.35
CA LYS A 193 -22.22 -18.01 3.76
C LYS A 193 -21.15 -19.05 3.47
N ILE A 194 -19.95 -18.57 3.19
CA ILE A 194 -18.78 -19.42 2.98
C ILE A 194 -18.08 -19.59 4.32
N VAL A 195 -17.89 -20.84 4.75
CA VAL A 195 -17.41 -21.16 6.09
C VAL A 195 -16.24 -22.14 5.99
N LEU A 196 -15.19 -21.88 6.76
CA LEU A 196 -14.09 -22.81 6.87
C LEU A 196 -14.49 -23.98 7.74
N ASP A 197 -14.08 -25.18 7.32
CA ASP A 197 -14.38 -26.39 8.09
C ASP A 197 -13.72 -26.33 9.46
N GLU A 198 -14.44 -26.82 10.47
CA GLU A 198 -14.01 -26.72 11.86
C GLU A 198 -12.64 -27.37 12.09
N LYS A 199 -12.27 -28.35 11.25
CA LYS A 199 -11.00 -29.05 11.43
C LYS A 199 -9.81 -28.12 11.34
N TYR A 200 -9.93 -27.02 10.59
CA TYR A 200 -8.78 -26.18 10.27
C TYR A 200 -8.69 -24.94 11.14
N LEU A 201 -9.54 -24.81 12.15
CA LEU A 201 -9.43 -23.74 13.14
C LEU A 201 -8.57 -24.23 14.31
N VAL A 202 -7.28 -24.43 14.01
CA VAL A 202 -6.38 -25.11 14.93
C VAL A 202 -5.52 -24.17 15.75
N ARG A 203 -5.63 -22.86 15.54
CA ARG A 203 -4.82 -21.92 16.31
C ARG A 203 -5.48 -20.55 16.26
N THR A 204 -5.00 -19.66 17.15
CA THR A 204 -5.33 -18.25 17.12
C THR A 204 -4.15 -17.49 16.53
N PRO A 205 -4.22 -17.04 15.28
CA PRO A 205 -3.06 -16.36 14.68
C PRO A 205 -2.64 -15.14 15.47
N SER A 206 -1.37 -14.78 15.31
CA SER A 206 -0.77 -13.72 16.13
C SER A 206 -1.41 -12.36 15.89
N GLN A 207 -1.92 -12.12 14.68
CA GLN A 207 -2.55 -10.84 14.35
C GLN A 207 -4.07 -10.97 14.18
N MET A 208 -4.66 -11.98 14.80
CA MET A 208 -6.11 -12.13 14.74
CA MET A 208 -6.12 -12.13 14.75
C MET A 208 -6.85 -10.91 15.30
N PRO A 209 -6.40 -10.25 16.39
CA PRO A 209 -7.09 -9.03 16.81
C PRO A 209 -7.12 -7.97 15.72
N LEU A 210 -6.05 -7.83 14.95
CA LEU A 210 -6.05 -6.88 13.84
C LEU A 210 -7.08 -7.26 12.78
N ILE A 211 -7.06 -8.52 12.36
CA ILE A 211 -7.99 -8.97 11.31
C ILE A 211 -9.44 -8.85 11.80
N LYS A 212 -9.68 -9.18 13.07
CA LYS A 212 -11.03 -9.01 13.61
C LYS A 212 -11.43 -7.55 13.65
N THR A 213 -10.48 -6.66 13.99
CA THR A 213 -10.76 -5.23 13.97
C THR A 213 -11.17 -4.77 12.57
N ILE A 214 -10.47 -5.27 11.55
CA ILE A 214 -10.81 -4.93 10.17
C ILE A 214 -12.20 -5.44 9.83
N CYS A 215 -12.46 -6.72 10.11
CA CYS A 215 -13.74 -7.32 9.73
C CYS A 215 -14.90 -6.66 10.48
N GLU A 216 -14.70 -6.32 11.75
CA GLU A 216 -15.76 -5.64 12.50
C GLU A 216 -16.09 -4.29 11.88
N TYR A 217 -15.07 -3.52 11.51
CA TYR A 217 -15.33 -2.20 10.91
C TYR A 217 -16.07 -2.35 9.59
N VAL A 218 -15.61 -3.25 8.72
CA VAL A 218 -16.26 -3.44 7.43
C VAL A 218 -17.68 -3.95 7.61
N SER A 219 -17.89 -4.86 8.58
CA SER A 219 -19.22 -5.40 8.82
C SER A 219 -20.16 -4.34 9.37
N GLU A 220 -19.68 -3.51 10.30
CA GLU A 220 -20.56 -2.55 10.95
C GLU A 220 -20.79 -1.30 10.11
N GLN A 221 -19.82 -0.91 9.30
CA GLN A 221 -19.89 0.36 8.58
C GLN A 221 -20.43 0.23 7.16
N PHE A 222 -20.17 -0.88 6.47
CA PHE A 222 -20.50 -0.96 5.05
C PHE A 222 -21.43 -2.10 4.71
N ALA A 223 -21.33 -3.24 5.39
CA ALA A 223 -22.16 -4.40 5.05
C ALA A 223 -23.66 -4.13 5.12
N PRO A 224 -24.19 -3.35 6.08
CA PRO A 224 -25.65 -3.16 6.10
C PRO A 224 -26.21 -2.50 4.84
N SER A 225 -25.51 -1.53 4.26
CA SER A 225 -26.06 -0.73 3.17
C SER A 225 -25.33 -0.85 1.85
N LYS A 226 -24.11 -1.39 1.84
CA LYS A 226 -23.29 -1.46 0.63
CA LYS A 226 -23.33 -1.45 0.61
C LYS A 226 -22.96 -2.90 0.29
N ASN A 227 -22.58 -3.11 -0.97
CA ASN A 227 -22.12 -4.40 -1.46
C ASN A 227 -20.62 -4.49 -1.21
N ILE A 228 -20.22 -5.35 -0.28
CA ILE A 228 -18.82 -5.45 0.13
C ILE A 228 -18.11 -6.60 -0.59
N THR A 229 -18.70 -7.11 -1.67
CA THR A 229 -18.14 -8.28 -2.33
C THR A 229 -16.73 -8.01 -2.84
N GLN A 230 -16.46 -6.80 -3.34
CA GLN A 230 -15.14 -6.51 -3.86
C GLN A 230 -14.10 -6.46 -2.76
N VAL A 231 -14.47 -5.95 -1.58
CA VAL A 231 -13.57 -6.02 -0.43
C VAL A 231 -13.18 -7.46 -0.16
N ILE A 232 -14.16 -8.35 -0.13
CA ILE A 232 -13.87 -9.78 0.05
C ILE A 232 -13.06 -10.31 -1.12
N TRP A 233 -13.42 -9.92 -2.34
CA TRP A 233 -12.72 -10.40 -3.53
C TRP A 233 -11.25 -10.01 -3.49
N GLU A 234 -10.95 -8.75 -3.11
CA GLU A 234 -9.55 -8.32 -3.07
C GLU A 234 -8.79 -9.00 -1.94
N VAL A 235 -9.46 -9.28 -0.81
CA VAL A 235 -8.82 -10.01 0.27
C VAL A 235 -8.49 -11.43 -0.18
N VAL A 236 -9.41 -12.08 -0.90
CA VAL A 236 -9.12 -13.40 -1.46
C VAL A 236 -7.94 -13.32 -2.42
N ARG A 237 -7.95 -12.33 -3.32
CA ARG A 237 -6.84 -12.14 -4.24
CA ARG A 237 -6.85 -12.17 -4.24
C ARG A 237 -5.53 -11.98 -3.49
N TYR A 238 -5.54 -11.20 -2.41
CA TYR A 238 -4.31 -10.98 -1.65
C TYR A 238 -3.86 -12.25 -0.95
N ILE A 239 -4.79 -12.95 -0.29
CA ILE A 239 -4.42 -14.15 0.46
C ILE A 239 -3.93 -15.24 -0.49
N LYS A 240 -4.57 -15.38 -1.65
CA LYS A 240 -4.06 -16.32 -2.65
C LYS A 240 -2.69 -15.87 -3.15
N GLY A 241 -2.49 -14.56 -3.28
CA GLY A 241 -1.19 -14.06 -3.71
C GLY A 241 -0.10 -14.33 -2.69
N VAL A 242 -0.42 -14.20 -1.40
CA VAL A 242 0.53 -14.57 -0.36
C VAL A 242 0.89 -16.04 -0.47
N LYS A 243 -0.11 -16.88 -0.73
CA LYS A 243 0.15 -18.30 -0.95
C LYS A 243 1.04 -18.50 -2.18
N ASP A 244 0.79 -17.73 -3.24
CA ASP A 244 1.67 -17.79 -4.40
C ASP A 244 3.09 -17.37 -4.04
N GLU A 245 3.23 -16.34 -3.20
CA GLU A 245 4.55 -15.90 -2.77
C GLU A 245 5.24 -16.98 -1.94
N ILE A 246 4.48 -17.68 -1.09
CA ILE A 246 5.05 -18.79 -0.32
C ILE A 246 5.58 -19.86 -1.26
N HIS A 247 4.79 -20.21 -2.28
CA HIS A 247 5.22 -21.23 -3.23
CA HIS A 247 5.20 -21.22 -3.26
C HIS A 247 6.39 -20.72 -4.08
N ILE A 248 6.38 -19.44 -4.43
CA ILE A 248 7.49 -18.87 -5.21
C ILE A 248 8.76 -18.81 -4.36
N ARG A 249 8.66 -18.26 -3.15
CA ARG A 249 9.83 -18.15 -2.29
C ARG A 249 10.25 -19.49 -1.70
N GLY A 250 9.30 -20.42 -1.56
CA GLY A 250 9.64 -21.73 -1.03
C GLY A 250 10.59 -22.49 -1.93
N ASP A 251 10.40 -22.39 -3.24
CA ASP A 251 11.28 -23.03 -4.21
C ASP A 251 12.38 -22.04 -4.56
N LYS A 252 13.62 -22.37 -4.20
CA LYS A 252 14.74 -21.46 -4.36
C LYS A 252 15.15 -21.31 -5.82
N SER A 253 14.27 -21.72 -6.72
CA SER A 253 14.43 -21.53 -8.15
C SER A 253 13.62 -20.30 -8.53
N PHE A 254 14.30 -19.16 -8.62
CA PHE A 254 13.66 -17.86 -8.83
C PHE A 254 13.60 -17.59 -10.33
N THR A 255 12.50 -17.97 -10.95
CA THR A 255 12.38 -17.86 -12.40
C THR A 255 11.22 -16.97 -12.83
N LEU A 256 11.10 -15.79 -12.23
CA LEU A 256 10.05 -14.85 -12.57
C LEU A 256 10.56 -13.88 -13.64
N SER A 257 9.87 -13.82 -14.77
CA SER A 257 10.09 -12.76 -15.72
C SER A 257 9.45 -11.47 -15.22
N LEU A 258 9.73 -10.36 -15.92
CA LEU A 258 9.17 -9.08 -15.50
C LEU A 258 7.65 -9.07 -15.63
N GLN A 259 7.12 -9.74 -16.66
CA GLN A 259 5.67 -9.81 -16.81
C GLN A 259 5.05 -10.69 -15.74
N GLU A 260 5.69 -11.82 -15.43
CA GLU A 260 5.20 -12.67 -14.35
C GLU A 260 5.35 -11.98 -12.99
N TYR A 261 6.38 -11.16 -12.84
CA TYR A 261 6.51 -10.35 -11.63
C TYR A 261 5.35 -9.36 -11.53
N ASP A 262 4.99 -8.72 -12.64
CA ASP A 262 3.86 -7.81 -12.65
C ASP A 262 2.57 -8.53 -12.26
N ASP A 263 2.31 -9.69 -12.87
CA ASP A 263 1.09 -10.44 -12.56
C ASP A 263 1.06 -10.85 -11.08
N PHE A 264 2.21 -11.23 -10.53
CA PHE A 264 2.26 -11.60 -9.12
C PHE A 264 2.04 -10.37 -8.23
N ARG A 265 2.68 -9.25 -8.56
CA ARG A 265 2.53 -8.05 -7.75
C ARG A 265 1.12 -7.48 -7.84
N ASP A 266 0.38 -7.77 -8.92
CA ASP A 266 -1.01 -7.36 -9.01
C ASP A 266 -1.84 -7.92 -7.87
N LYS A 267 -1.41 -9.02 -7.26
CA LYS A 267 -2.20 -9.68 -6.23
C LYS A 267 -1.82 -9.27 -4.81
N VAL A 268 -0.57 -8.87 -4.57
CA VAL A 268 -0.03 -8.74 -3.22
C VAL A 268 0.31 -7.32 -2.84
N THR A 269 0.02 -6.33 -3.70
CA THR A 269 0.36 -4.95 -3.36
C THR A 269 -0.56 -4.37 -2.29
N ALA A 270 -1.73 -4.99 -2.07
CA ALA A 270 -2.65 -4.68 -0.98
C ALA A 270 -3.42 -3.38 -1.17
N SER A 271 -2.88 -2.46 -1.95
CA SER A 271 -3.63 -1.24 -2.25
C SER A 271 -5.00 -1.51 -2.86
N PRO A 272 -5.24 -2.54 -3.68
CA PRO A 272 -6.62 -2.80 -4.13
C PRO A 272 -7.59 -3.10 -2.99
N MET A 273 -7.11 -3.68 -1.89
CA MET A 273 -7.95 -3.87 -0.72
C MET A 273 -8.33 -2.53 -0.09
N ALA A 274 -7.34 -1.65 0.07
CA ALA A 274 -7.62 -0.32 0.61
C ALA A 274 -8.53 0.46 -0.32
N HIS A 275 -8.38 0.30 -1.63
CA HIS A 275 -9.26 1.00 -2.56
C HIS A 275 -10.68 0.47 -2.48
N ALA A 276 -10.84 -0.85 -2.34
CA ALA A 276 -12.17 -1.44 -2.26
C ALA A 276 -12.95 -0.89 -1.08
N VAL A 277 -12.30 -0.72 0.08
CA VAL A 277 -13.01 -0.16 1.23
CA VAL A 277 -12.98 -0.16 1.24
C VAL A 277 -13.20 1.34 1.06
N SER A 278 -12.21 2.04 0.50
CA SER A 278 -12.37 3.48 0.28
C SER A 278 -13.48 3.76 -0.74
N ASP A 279 -13.65 2.88 -1.74
CA ASP A 279 -14.74 3.05 -2.69
C ASP A 279 -16.11 3.06 -2.01
N LEU A 280 -16.25 2.29 -0.93
CA LEU A 280 -17.52 2.20 -0.22
C LEU A 280 -17.80 3.41 0.65
N THR A 281 -16.84 4.31 0.82
CA THR A 281 -17.05 5.52 1.62
C THR A 281 -17.64 6.66 0.80
N HIS A 282 -17.80 6.50 -0.50
CA HIS A 282 -18.34 7.53 -1.37
C HIS A 282 -19.68 7.10 -1.94
N GLU A 283 -20.62 8.03 -2.01
CA GLU A 283 -21.91 7.73 -2.62
C GLU A 283 -21.76 7.47 -4.12
N ARG A 284 -20.80 8.12 -4.77
CA ARG A 284 -20.47 7.83 -6.17
C ARG A 284 -19.67 6.54 -6.20
N PHE A 285 -20.33 5.44 -6.59
CA PHE A 285 -19.73 4.12 -6.50
C PHE A 285 -20.43 3.20 -7.49
N SER A 286 -19.64 2.48 -8.29
CA SER A 286 -20.16 1.54 -9.28
C SER A 286 -19.53 0.17 -9.05
N TYR A 287 -20.32 -0.76 -8.51
CA TYR A 287 -19.82 -2.11 -8.32
C TYR A 287 -19.54 -2.82 -9.63
N GLU A 288 -20.19 -2.40 -10.72
CA GLU A 288 -19.94 -3.02 -12.03
C GLU A 288 -18.53 -2.75 -12.51
N ALA A 289 -17.89 -1.68 -12.04
CA ALA A 289 -16.55 -1.34 -12.51
C ALA A 289 -15.56 -2.45 -12.23
N TYR A 290 -15.76 -3.21 -11.16
CA TYR A 290 -14.80 -4.22 -10.74
C TYR A 290 -14.72 -5.39 -11.72
N THR A 291 -15.74 -5.59 -12.55
CA THR A 291 -15.69 -6.58 -13.61
C THR A 291 -15.47 -5.96 -14.98
N ASN A 292 -15.31 -4.65 -15.06
CA ASN A 292 -14.89 -3.98 -16.29
C ASN A 292 -13.44 -4.33 -16.57
N PRO A 293 -13.13 -4.97 -17.70
CA PRO A 293 -11.72 -5.33 -17.96
C PRO A 293 -10.77 -4.14 -17.98
N ALA A 294 -11.23 -2.98 -18.45
CA ALA A 294 -10.37 -1.81 -18.47
C ALA A 294 -10.11 -1.30 -17.06
N PHE A 295 -11.13 -1.33 -16.19
CA PHE A 295 -10.94 -0.88 -14.81
C PHE A 295 -10.05 -1.85 -14.04
N MET A 296 -10.18 -3.16 -14.32
CA MET A 296 -9.29 -4.13 -13.68
C MET A 296 -7.84 -3.89 -14.08
N GLU A 297 -7.61 -3.52 -15.34
CA GLU A 297 -6.25 -3.20 -15.78
C GLU A 297 -5.75 -1.91 -15.14
N LEU A 298 -6.65 -0.93 -14.95
CA LEU A 298 -6.26 0.30 -14.27
C LEU A 298 -5.80 0.02 -12.85
N GLU A 299 -6.50 -0.88 -12.14
CA GLU A 299 -6.07 -1.27 -10.81
C GLU A 299 -4.71 -1.96 -10.85
N ASN A 300 -4.47 -2.77 -11.88
CA ASN A 300 -3.19 -3.46 -11.99
C ASN A 300 -2.05 -2.49 -12.28
N ARG A 301 -2.28 -1.51 -13.16
CA ARG A 301 -1.27 -0.48 -13.38
C ARG A 301 -0.94 0.24 -12.08
N CYS A 302 -1.96 0.57 -11.29
CA CYS A 302 -1.75 1.23 -10.01
C CYS A 302 -0.87 0.39 -9.09
N SER A 303 -1.17 -0.92 -8.99
CA SER A 303 -0.40 -1.78 -8.12
C SER A 303 1.04 -1.92 -8.62
N GLU A 304 1.23 -1.96 -9.93
CA GLU A 304 2.58 -2.11 -10.49
C GLU A 304 3.41 -0.84 -10.30
N ILE A 305 2.77 0.33 -10.43
CA ILE A 305 3.48 1.58 -10.22
C ILE A 305 3.99 1.66 -8.78
N ILE A 306 3.11 1.37 -7.82
CA ILE A 306 3.51 1.36 -6.42
C ILE A 306 4.62 0.35 -6.19
N THR A 307 4.50 -0.83 -6.80
CA THR A 307 5.54 -1.86 -6.65
C THR A 307 6.88 -1.36 -7.17
N TYR A 308 6.88 -0.77 -8.36
CA TYR A 308 8.14 -0.34 -8.96
C TYR A 308 8.79 0.77 -8.14
N PHE A 309 8.00 1.76 -7.71
CA PHE A 309 8.51 2.77 -6.78
C PHE A 309 9.05 2.12 -5.52
N ASN A 310 8.30 1.16 -4.96
CA ASN A 310 8.75 0.47 -3.76
C ASN A 310 10.05 -0.29 -4.01
N ASP A 311 10.16 -0.94 -5.17
CA ASP A 311 11.36 -1.72 -5.50
C ASP A 311 12.61 -0.85 -5.50
N VAL A 312 12.49 0.38 -5.98
CA VAL A 312 13.64 1.29 -5.97
C VAL A 312 14.02 1.64 -4.54
N CYS A 313 13.02 1.95 -3.69
CA CYS A 313 13.30 2.39 -2.34
C CYS A 313 13.76 1.26 -1.42
N THR A 314 13.35 0.03 -1.70
CA THR A 314 13.75 -1.11 -0.89
C THR A 314 14.96 -1.85 -1.45
N SER A 315 15.55 -1.35 -2.54
CA SER A 315 16.55 -2.12 -3.27
C SER A 315 17.74 -2.49 -2.39
N ASP A 316 18.29 -1.51 -1.65
CA ASP A 316 19.48 -1.79 -0.87
C ASP A 316 19.20 -2.75 0.27
N ARG A 317 18.02 -2.62 0.89
CA ARG A 317 17.65 -3.51 1.99
C ARG A 317 17.38 -4.92 1.48
N GLU A 318 16.71 -5.05 0.34
CA GLU A 318 16.41 -6.36 -0.22
C GLU A 318 17.61 -6.99 -0.90
N ARG A 319 18.56 -6.18 -1.38
CA ARG A 319 19.81 -6.74 -1.89
C ARG A 319 20.57 -7.47 -0.79
N LEU A 320 20.56 -6.92 0.43
CA LEU A 320 21.23 -7.58 1.55
C LEU A 320 20.48 -8.82 1.99
N ASP A 321 19.15 -8.83 1.86
CA ASP A 321 18.37 -10.04 2.13
C ASP A 321 18.54 -11.10 1.06
N GLU A 322 19.27 -10.79 -0.01
CA GLU A 322 19.42 -11.70 -1.16
C GLU A 322 18.04 -12.09 -1.71
N ASP A 323 17.13 -11.11 -1.72
CA ASP A 323 15.76 -11.30 -2.19
C ASP A 323 15.70 -11.00 -3.68
N PRO A 324 15.40 -11.97 -4.54
CA PRO A 324 15.43 -11.72 -5.98
C PRO A 324 14.15 -11.11 -6.56
N PHE A 325 13.07 -11.01 -5.79
CA PHE A 325 11.78 -10.60 -6.33
C PHE A 325 11.62 -9.10 -6.11
N ASN A 326 12.31 -8.36 -6.98
CA ASN A 326 12.36 -6.91 -6.99
C ASN A 326 12.69 -6.52 -8.43
N SER A 327 11.89 -5.64 -9.01
CA SER A 327 12.04 -5.32 -10.43
C SER A 327 13.44 -4.83 -10.77
N VAL A 328 14.13 -4.21 -9.80
CA VAL A 328 15.50 -3.76 -10.04
C VAL A 328 16.42 -4.96 -10.28
N PHE A 329 16.28 -6.01 -9.48
CA PHE A 329 17.15 -7.17 -9.62
C PHE A 329 16.77 -8.04 -10.80
N ILE A 330 15.48 -8.10 -11.14
CA ILE A 330 15.05 -8.88 -12.29
C ILE A 330 15.62 -8.29 -13.57
N LEU A 331 15.64 -6.96 -13.68
CA LEU A 331 16.20 -6.32 -14.86
C LEU A 331 17.70 -6.51 -14.94
N MET A 332 18.39 -6.49 -13.79
CA MET A 332 19.83 -6.71 -13.79
C MET A 332 20.17 -8.15 -14.18
N ASP A 333 19.38 -9.12 -13.71
CA ASP A 333 19.61 -10.50 -14.09
C ASP A 333 19.42 -10.72 -15.58
N LEU A 334 18.52 -9.95 -16.21
CA LEU A 334 18.30 -10.07 -17.64
C LEU A 334 19.29 -9.25 -18.46
N ASP A 335 19.88 -8.21 -17.89
CA ASP A 335 20.80 -7.34 -18.61
C ASP A 335 22.07 -7.15 -17.79
N PRO A 336 23.20 -7.73 -18.22
CA PRO A 336 24.42 -7.63 -17.42
C PRO A 336 25.08 -6.26 -17.46
N SER A 337 24.69 -5.40 -18.41
CA SER A 337 25.30 -4.07 -18.46
C SER A 337 24.77 -3.15 -17.37
N LEU A 338 23.68 -3.54 -16.71
CA LEU A 338 23.05 -2.69 -15.71
C LEU A 338 23.73 -2.85 -14.35
N ASN A 339 24.09 -1.73 -13.74
CA ASN A 339 24.37 -1.73 -12.32
C ASN A 339 23.09 -1.35 -11.58
N PHE A 340 23.17 -1.08 -10.29
CA PHE A 340 21.95 -0.77 -9.54
C PHE A 340 21.39 0.59 -9.92
N ALA A 341 22.26 1.57 -10.16
CA ALA A 341 21.77 2.90 -10.54
C ALA A 341 21.09 2.87 -11.90
N LYS A 342 21.68 2.19 -12.88
CA LYS A 342 21.06 2.12 -14.21
C LYS A 342 19.79 1.29 -14.20
N SER A 343 19.74 0.24 -13.38
CA SER A 343 18.53 -0.56 -13.29
C SER A 343 17.38 0.25 -12.68
N CYS A 344 17.67 1.00 -11.61
CA CYS A 344 16.66 1.86 -11.01
C CYS A 344 16.14 2.88 -12.01
N ASP A 345 17.02 3.39 -12.88
CA ASP A 345 16.56 4.30 -13.93
C ASP A 345 15.58 3.62 -14.87
N VAL A 346 15.82 2.33 -15.18
CA VAL A 346 14.90 1.61 -16.05
C VAL A 346 13.58 1.36 -15.34
N VAL A 347 13.63 1.01 -14.06
CA VAL A 347 12.40 0.81 -13.28
C VAL A 347 11.60 2.09 -13.24
N VAL A 348 12.26 3.22 -12.99
CA VAL A 348 11.59 4.51 -12.95
C VAL A 348 10.94 4.81 -14.30
N GLU A 349 11.63 4.47 -15.39
CA GLU A 349 11.07 4.69 -16.72
C GLU A 349 9.86 3.80 -16.96
N HIS A 350 9.94 2.53 -16.55
CA HIS A 350 8.78 1.64 -16.62
C HIS A 350 7.61 2.18 -15.81
N ALA A 351 7.91 2.74 -14.64
CA ALA A 351 6.84 3.32 -13.82
C ALA A 351 6.20 4.51 -14.52
N TYR A 352 7.00 5.30 -15.25
CA TYR A 352 6.44 6.41 -16.00
C TYR A 352 5.50 5.91 -17.10
N ASN A 353 5.92 4.85 -17.81
CA ASN A 353 5.08 4.30 -18.87
C ASN A 353 3.79 3.71 -18.30
N LYS A 354 3.87 3.04 -17.15
CA LYS A 354 2.67 2.53 -16.50
C LYS A 354 1.76 3.67 -16.06
N MET A 355 2.33 4.80 -15.62
CA MET A 355 1.52 5.94 -15.25
C MET A 355 0.77 6.49 -16.46
N GLN A 356 1.45 6.60 -17.60
CA GLN A 356 0.77 7.05 -18.82
C GLN A 356 -0.28 6.05 -19.26
N ALA A 357 -0.01 4.75 -19.10
CA ALA A 357 -1.01 3.73 -19.38
C ALA A 357 -2.20 3.85 -18.43
N PHE A 358 -1.92 4.15 -17.16
CA PHE A 358 -2.99 4.40 -16.20
C PHE A 358 -3.88 5.56 -16.67
N LEU A 359 -3.26 6.65 -17.12
CA LEU A 359 -4.03 7.82 -17.55
C LEU A 359 -4.77 7.56 -18.85
N LYS A 360 -4.23 6.69 -19.71
CA LYS A 360 -4.93 6.34 -20.94
C LYS A 360 -6.17 5.49 -20.64
N LEU A 361 -6.03 4.51 -19.75
CA LEU A 361 -7.19 3.73 -19.32
C LEU A 361 -8.24 4.62 -18.67
N LYS A 362 -7.79 5.58 -17.86
CA LYS A 362 -8.71 6.49 -17.18
C LYS A 362 -9.60 7.21 -18.18
N GLU A 363 -9.01 7.76 -19.24
CA GLU A 363 -9.79 8.50 -20.24
C GLU A 363 -10.74 7.56 -20.97
N GLU A 364 -10.30 6.34 -21.26
CA GLU A 364 -11.16 5.39 -21.97
C GLU A 364 -12.30 4.88 -21.08
N ILE A 365 -12.01 4.65 -19.79
CA ILE A 365 -13.04 4.19 -18.88
C ILE A 365 -14.14 5.24 -18.73
N LEU A 366 -13.75 6.50 -18.55
CA LEU A 366 -14.73 7.55 -18.35
C LEU A 366 -15.54 7.80 -19.61
N GLU A 367 -14.94 7.61 -20.79
CA GLU A 367 -15.68 7.79 -22.04
C GLU A 367 -16.67 6.67 -22.26
N SER A 368 -16.40 5.48 -21.73
CA SER A 368 -17.29 4.33 -21.90
C SER A 368 -18.51 4.39 -20.98
N ALA A 369 -18.57 5.37 -20.09
CA ALA A 369 -19.69 5.45 -19.16
C ALA A 369 -20.99 5.67 -19.90
N SER A 370 -22.04 4.95 -19.47
CA SER A 370 -23.32 4.99 -20.18
C SER A 370 -24.20 6.14 -19.75
N ASP A 371 -23.98 6.71 -18.56
CA ASP A 371 -24.82 7.80 -18.07
C ASP A 371 -24.00 8.61 -17.07
N GLU A 372 -24.60 9.70 -16.60
CA GLU A 372 -23.90 10.60 -15.67
C GLU A 372 -23.61 9.91 -14.35
N GLU A 373 -24.54 9.10 -13.85
CA GLU A 373 -24.32 8.41 -12.60
C GLU A 373 -23.12 7.48 -12.68
N GLU A 374 -22.96 6.78 -13.81
CA GLU A 374 -21.82 5.88 -13.95
C GLU A 374 -20.52 6.65 -14.17
N ARG A 375 -20.59 7.76 -14.90
CA ARG A 375 -19.39 8.57 -15.12
C ARG A 375 -18.86 9.14 -13.82
N LEU A 376 -19.75 9.73 -13.02
CA LEU A 376 -19.33 10.30 -11.73
C LEU A 376 -18.85 9.22 -10.78
N ALA A 377 -19.43 8.02 -10.84
CA ALA A 377 -18.96 6.92 -10.02
C ALA A 377 -17.56 6.47 -10.44
N LEU A 378 -17.36 6.25 -11.74
CA LEU A 378 -16.06 5.84 -12.22
C LEU A 378 -15.00 6.90 -11.95
N ALA A 379 -15.33 8.18 -12.14
CA ALA A 379 -14.37 9.24 -11.89
C ALA A 379 -14.00 9.31 -10.41
N ARG A 380 -14.98 9.09 -9.53
CA ARG A 380 -14.69 9.06 -8.10
C ARG A 380 -13.78 7.89 -7.74
N MET A 381 -14.03 6.72 -8.34
CA MET A 381 -13.23 5.54 -8.03
C MET A 381 -11.81 5.67 -8.57
N ILE A 382 -11.64 6.30 -9.73
CA ILE A 382 -10.31 6.52 -10.28
C ILE A 382 -9.56 7.55 -9.45
N LYS A 383 -10.26 8.60 -8.99
CA LYS A 383 -9.64 9.60 -8.13
C LYS A 383 -9.10 8.96 -6.85
N THR A 384 -9.80 7.98 -6.31
CA THR A 384 -9.34 7.30 -5.11
C THR A 384 -8.01 6.59 -5.33
N ARG A 385 -7.85 5.98 -6.51
CA ARG A 385 -6.58 5.33 -6.82
C ARG A 385 -5.48 6.34 -7.10
N GLU A 386 -5.83 7.48 -7.70
CA GLU A 386 -4.84 8.53 -7.90
C GLU A 386 -4.33 9.08 -6.57
N ASP A 387 -5.21 9.21 -5.57
CA ASP A 387 -4.78 9.63 -4.24
C ASP A 387 -3.69 8.72 -3.69
N SER A 388 -3.84 7.41 -3.90
CA SER A 388 -2.86 6.45 -3.39
C SER A 388 -1.53 6.56 -4.14
N LEU A 389 -1.58 6.87 -5.44
CA LEU A 389 -0.35 6.93 -6.22
C LEU A 389 0.54 8.09 -5.79
N ILE A 390 -0.02 9.30 -5.75
CA ILE A 390 0.76 10.44 -5.26
C ILE A 390 1.07 10.27 -3.78
N GLY A 391 0.16 9.68 -3.02
CA GLY A 391 0.42 9.44 -1.61
C GLY A 391 1.63 8.56 -1.38
N TYR A 392 1.75 7.48 -2.16
CA TYR A 392 2.88 6.58 -1.96
C TYR A 392 4.20 7.25 -2.35
N VAL A 393 4.19 8.05 -3.42
CA VAL A 393 5.39 8.80 -3.79
C VAL A 393 5.83 9.68 -2.62
N LEU A 394 4.91 10.48 -2.10
CA LEU A 394 5.25 11.38 -1.00
C LEU A 394 5.61 10.61 0.26
N HIS A 395 5.01 9.43 0.46
CA HIS A 395 5.38 8.59 1.58
C HIS A 395 6.86 8.25 1.55
N GLU A 396 7.36 7.85 0.38
CA GLU A 396 8.78 7.51 0.27
C GLU A 396 9.66 8.76 0.28
N VAL A 397 9.18 9.87 -0.28
CA VAL A 397 9.95 11.10 -0.27
C VAL A 397 10.19 11.56 1.17
N CYS A 398 9.19 11.42 2.04
CA CYS A 398 9.21 12.00 3.37
C CYS A 398 9.74 11.05 4.44
N CYS A 399 10.59 10.10 4.07
CA CYS A 399 11.22 9.19 5.05
C CYS A 399 12.47 9.87 5.59
N VAL A 400 12.26 10.77 6.56
CA VAL A 400 13.31 11.67 7.02
C VAL A 400 13.76 11.39 8.44
N GLU A 401 13.21 10.39 9.11
CA GLU A 401 13.63 10.05 10.47
C GLU A 401 13.85 8.55 10.59
N ASP A 402 15.07 8.17 10.98
CA ASP A 402 15.42 6.76 11.10
C ASP A 402 14.55 6.09 12.15
N GLY A 403 13.99 4.93 11.79
CA GLY A 403 13.14 4.16 12.67
C GLY A 403 11.66 4.34 12.44
N TYR A 404 11.25 5.34 11.67
CA TYR A 404 9.84 5.62 11.43
C TYR A 404 9.50 5.47 9.96
N ALA A 405 10.29 4.67 9.24
CA ALA A 405 10.01 4.30 7.86
C ALA A 405 10.68 2.97 7.59
N ARG A 406 10.12 2.23 6.63
CA ARG A 406 10.74 0.98 6.22
C ARG A 406 12.10 1.23 5.57
N ASP A 407 12.26 2.37 4.89
CA ASP A 407 13.51 2.71 4.22
C ASP A 407 13.81 4.18 4.52
N HIS A 408 14.53 4.40 5.61
CA HIS A 408 14.97 5.74 5.96
C HIS A 408 15.92 6.27 4.89
N LYS A 409 15.73 7.54 4.51
CA LYS A 409 16.52 8.18 3.47
C LYS A 409 17.20 9.41 4.04
N PRO A 410 18.42 9.27 4.57
CA PRO A 410 19.11 10.44 5.14
C PRO A 410 19.41 11.52 4.12
N LEU A 411 19.55 11.16 2.84
CA LEU A 411 19.75 12.18 1.81
C LEU A 411 18.48 12.97 1.58
N MET A 412 17.31 12.36 1.78
CA MET A 412 16.07 13.13 1.69
C MET A 412 15.88 14.01 2.92
N LYS A 413 16.30 13.54 4.09
CA LYS A 413 16.25 14.37 5.29
C LYS A 413 17.08 15.64 5.10
N ALA A 414 18.30 15.49 4.58
CA ALA A 414 19.13 16.67 4.32
C ALA A 414 18.54 17.55 3.23
N PHE A 415 18.07 16.93 2.14
CA PHE A 415 17.53 17.71 1.03
C PHE A 415 16.27 18.47 1.44
N LEU A 416 15.36 17.80 2.13
CA LEU A 416 14.10 18.45 2.50
C LEU A 416 14.33 19.53 3.56
N GLU A 417 15.26 19.30 4.49
CA GLU A 417 15.55 20.31 5.50
C GLU A 417 16.15 21.56 4.87
N GLU A 418 17.02 21.39 3.88
CA GLU A 418 17.61 22.54 3.19
C GLU A 418 16.56 23.28 2.38
N GLU A 419 15.69 22.55 1.68
CA GLU A 419 14.74 23.19 0.77
C GLU A 419 13.55 23.80 1.52
N ILE A 420 13.04 23.11 2.55
CA ILE A 420 11.91 23.65 3.29
C ILE A 420 12.31 24.86 4.11
N THR A 421 13.59 24.96 4.49
CA THR A 421 14.08 26.13 5.20
C THR A 421 13.96 27.38 4.34
N LYS A 422 14.32 27.28 3.05
CA LYS A 422 14.19 28.43 2.16
C LYS A 422 12.72 28.75 1.90
N SER A 423 11.89 27.72 1.73
CA SER A 423 10.47 27.94 1.44
CA SER A 423 10.47 27.94 1.44
C SER A 423 9.75 28.55 2.63
N LEU A 424 10.03 28.04 3.84
CA LEU A 424 9.40 28.61 5.04
C LEU A 424 9.87 30.05 5.25
N ALA A 425 11.14 30.33 4.98
CA ALA A 425 11.64 31.69 5.10
C ALA A 425 10.93 32.62 4.12
N GLU A 426 10.59 32.11 2.93
CA GLU A 426 9.87 32.94 1.96
C GLU A 426 8.45 33.21 2.43
N LYS A 427 7.83 32.25 3.11
CA LYS A 427 6.52 32.49 3.73
C LYS A 427 6.61 33.59 4.78
N VAL A 428 7.62 33.49 5.66
CA VAL A 428 7.78 34.47 6.73
C VAL A 428 8.05 35.85 6.14
N LYS A 429 8.89 35.92 5.11
CA LYS A 429 9.33 37.20 4.58
C LYS A 429 8.16 37.97 3.95
N PHE A 430 7.35 37.30 3.14
CA PHE A 430 6.24 37.97 2.48
C PHE A 430 5.00 38.08 3.35
N ASN A 431 5.03 37.52 4.56
CA ASN A 431 3.91 37.66 5.48
C ASN A 431 3.68 39.14 5.81
N PRO A 432 2.42 39.60 5.89
CA PRO A 432 1.18 38.82 5.77
C PRO A 432 0.56 38.84 4.37
N VAL A 433 1.39 38.95 3.33
CA VAL A 433 0.88 38.94 1.97
C VAL A 433 0.95 37.55 1.37
MG MG B . 10.36 -6.46 -3.00
C01 R1V C . 1.77 0.83 1.84
C02 R1V C . 1.33 1.23 0.43
C03 R1V C . 1.56 0.43 -0.59
C04 R1V C . 2.26 -0.91 -0.41
C05 R1V C . 3.78 -0.81 -0.56
C06 R1V C . 4.39 -2.15 -0.99
C07 R1V C . 4.76 -3.03 -0.07
C08 R1V C . 5.37 -4.36 -0.52
C10 R1V C . 7.62 -4.97 -0.22
C11 R1V C . 7.74 -6.34 -0.88
C14 R1V C . 8.75 -4.70 0.78
C15 R1V C . 8.34 -3.55 1.70
C16 R1V C . 9.13 -3.56 3.00
C19 R1V C . 4.57 -2.45 -2.47
C20 R1V C . 0.62 2.56 0.18
N09 R1V C . 6.34 -4.84 0.44
O12 R1V C . 7.60 -7.38 -0.17
O13 R1V C . 7.98 -6.44 -2.11
O17 R1V C . 9.62 -4.63 3.45
O18 R1V C . 9.29 -2.48 3.64
#